data_4FUH
#
_entry.id   4FUH
#
_cell.length_a   54.700
_cell.length_b   53.400
_cell.length_c   80.250
_cell.angle_alpha   90.000
_cell.angle_beta   90.000
_cell.angle_gamma   90.000
#
_symmetry.space_group_name_H-M   'P 21 21 21'
#
loop_
_entity.id
_entity.type
_entity.pdbx_description
1 polymer 'Urokinase-type plasminogen activator'
2 non-polymer 6-[(phenylcarbamoyl)amino]naphthalene-2-carboximidamide
3 non-polymer 'SULFATE ION'
4 non-polymer 'ACETATE ION'
5 non-polymer GLYCEROL
6 water water
#
_entity_poly.entity_id   1
_entity_poly.type   'polypeptide(L)'
_entity_poly.pdbx_seq_one_letter_code
;IIGGEFTTIENQPWFAAIYRRHRGGSVTYVCGGSLISPCWVISATHCFIDYPKKEDYIVYLGRSRLNSNTQGEMKFEVEN
LILHKDYSADTLAHHNDIALLKIRSKEGRCAQPSRTIQTIALPSMYNDPQFGTSCEITGFGKEQSTDYLYPEQLKMTVVK
LISHRECQQPHYYGSEVTTKMLCAADPQWKTDSCQGDSGGPLVCSLQGRMTLTGIVSWGRGCALKDKPGVYTRVSHFLPW
IRSHTK
;
_entity_poly.pdbx_strand_id   A
#
loop_
_chem_comp.id
_chem_comp.type
_chem_comp.name
_chem_comp.formula
1U2 non-polymer 6-[(phenylcarbamoyl)amino]naphthalene-2-carboximidamide 'C18 H16 N4 O'
ACT non-polymer 'ACETATE ION' 'C2 H3 O2 -1'
GOL non-polymer GLYCEROL 'C3 H8 O3'
SO4 non-polymer 'SULFATE ION' 'O4 S -2'
#
# COMPACT_ATOMS: atom_id res chain seq x y z
N ILE A 1 5.75 5.63 -8.34
CA ILE A 1 4.64 6.43 -8.93
C ILE A 1 5.16 7.05 -10.25
N ILE A 2 4.45 6.77 -11.36
CA ILE A 2 4.70 7.35 -12.69
C ILE A 2 3.93 8.66 -12.71
N GLY A 3 4.58 9.75 -13.06
CA GLY A 3 3.91 11.04 -13.07
C GLY A 3 3.61 11.50 -11.67
N GLY A 4 2.51 12.21 -11.49
CA GLY A 4 2.15 12.70 -10.17
C GLY A 4 3.09 13.80 -9.70
N GLU A 5 3.27 13.91 -8.39
CA GLU A 5 4.05 14.97 -7.75
C GLU A 5 4.83 14.48 -6.55
N PHE A 6 5.94 15.16 -6.26
CA PHE A 6 6.69 14.88 -5.04
C PHE A 6 5.89 15.42 -3.87
N THR A 7 5.96 14.72 -2.72
CA THR A 7 5.21 15.10 -1.52
C THR A 7 6.08 14.91 -0.29
N THR A 8 5.51 15.07 0.89
CA THR A 8 6.22 14.85 2.17
C THR A 8 5.29 14.12 3.12
N ILE A 9 5.84 13.52 4.18
CA ILE A 9 5.02 12.71 5.09
C ILE A 9 3.90 13.46 5.82
N GLU A 10 4.06 14.78 6.05
CA GLU A 10 2.96 15.50 6.68
C GLU A 10 1.64 15.46 5.84
N ASN A 11 1.76 15.24 4.49
CA ASN A 11 0.56 15.14 3.63
CA ASN A 11 0.59 15.14 3.60
C ASN A 11 -0.02 13.73 3.56
N GLN A 12 0.77 12.70 3.98
CA GLN A 12 0.45 11.27 3.91
CA GLN A 12 0.30 11.29 3.99
C GLN A 12 0.80 10.63 5.27
N PRO A 13 0.34 11.17 6.43
CA PRO A 13 0.88 10.70 7.73
C PRO A 13 0.61 9.27 8.16
N TRP A 14 -0.27 8.57 7.46
CA TRP A 14 -0.57 7.14 7.69
C TRP A 14 0.40 6.28 6.90
N PHE A 15 1.26 6.86 6.05
CA PHE A 15 2.13 6.05 5.21
C PHE A 15 3.31 5.46 5.99
N ALA A 16 3.49 4.13 5.86
CA ALA A 16 4.56 3.40 6.50
C ALA A 16 5.55 2.98 5.44
N ALA A 17 6.83 3.18 5.74
CA ALA A 17 7.95 2.86 4.84
C ALA A 17 8.58 1.59 5.42
N ILE A 18 8.55 0.47 4.66
CA ILE A 18 8.97 -0.84 5.15
C ILE A 18 10.22 -1.28 4.44
N TYR A 19 11.24 -1.61 5.23
CA TYR A 19 12.56 -2.02 4.75
C TYR A 19 12.90 -3.38 5.28
N ARG A 20 13.89 -3.99 4.64
CA ARG A 20 14.37 -5.32 5.05
C ARG A 20 15.87 -5.27 5.29
N ARG A 21 16.32 -5.87 6.41
CA ARG A 21 17.74 -5.96 6.74
CA ARG A 21 17.74 -5.96 6.75
C ARG A 21 18.24 -7.26 6.17
N HIS A 22 19.34 -7.21 5.44
CA HIS A 22 19.93 -8.39 4.85
C HIS A 22 21.08 -8.89 5.72
N ARG A 23 21.44 -10.20 5.61
CA ARG A 23 22.64 -10.69 6.30
C ARG A 23 23.84 -9.85 5.78
N GLY A 24 24.68 -9.37 6.69
CA GLY A 24 25.78 -8.45 6.39
C GLY A 24 25.49 -7.01 6.79
N GLY A 25 24.23 -6.69 7.11
CA GLY A 25 23.87 -5.37 7.57
C GLY A 25 23.20 -4.43 6.57
N SER A 26 23.18 -4.75 5.25
CA SER A 26 22.56 -3.81 4.31
C SER A 26 21.06 -3.78 4.50
N VAL A 27 20.48 -2.59 4.37
CA VAL A 27 19.04 -2.36 4.47
C VAL A 27 18.52 -1.87 3.11
N THR A 28 17.43 -2.46 2.62
CA THR A 28 16.82 -2.05 1.35
C THR A 28 15.31 -1.80 1.51
N TYR A 29 14.77 -0.87 0.70
CA TYR A 29 13.34 -0.62 0.74
C TYR A 29 12.54 -1.78 0.13
N VAL A 30 11.42 -2.16 0.78
CA VAL A 30 10.58 -3.25 0.29
C VAL A 30 9.27 -2.76 -0.29
N CYS A 31 8.44 -2.15 0.56
CA CYS A 31 7.06 -1.81 0.20
C CYS A 31 6.56 -0.72 1.08
N GLY A 32 5.42 -0.17 0.69
CA GLY A 32 4.66 0.73 1.53
C GLY A 32 3.67 -0.04 2.40
N GLY A 33 3.03 0.70 3.27
CA GLY A 33 2.00 0.20 4.17
C GLY A 33 1.23 1.38 4.70
N SER A 34 0.19 1.08 5.51
CA SER A 34 -0.66 2.12 6.10
C SER A 34 -0.91 1.82 7.56
N LEU A 35 -0.81 2.85 8.40
CA LEU A 35 -1.08 2.71 9.84
C LEU A 35 -2.59 2.72 10.06
N ILE A 36 -3.18 1.60 10.52
CA ILE A 36 -4.65 1.53 10.77
C ILE A 36 -5.03 1.69 12.26
N SER A 37 -4.05 1.48 13.17
CA SER A 37 -4.17 1.72 14.60
C SER A 37 -2.71 1.85 15.13
N PRO A 38 -2.50 2.34 16.34
CA PRO A 38 -1.12 2.59 16.78
C PRO A 38 -0.15 1.42 16.69
N CYS A 39 -0.63 0.18 16.94
CA CYS A 39 0.23 -1.00 16.92
C CYS A 39 0.17 -1.76 15.60
N TRP A 40 -0.66 -1.37 14.59
CA TRP A 40 -0.90 -2.17 13.40
C TRP A 40 -0.75 -1.42 12.07
N VAL A 41 0.10 -1.96 11.20
CA VAL A 41 0.30 -1.49 9.82
C VAL A 41 -0.27 -2.57 8.88
N ILE A 42 -1.00 -2.15 7.83
CA ILE A 42 -1.55 -3.06 6.81
C ILE A 42 -0.83 -2.85 5.48
N SER A 43 -0.54 -3.95 4.81
CA SER A 43 0.24 -3.95 3.58
C SER A 43 -0.17 -5.13 2.69
N ALA A 44 0.71 -5.58 1.78
CA ALA A 44 0.38 -6.67 0.84
C ALA A 44 1.21 -7.88 1.14
N THR A 45 0.59 -9.08 1.18
CA THR A 45 1.34 -10.29 1.48
C THR A 45 2.49 -10.49 0.47
N HIS A 46 2.30 -10.14 -0.81
CA HIS A 46 3.35 -10.41 -1.81
C HIS A 46 4.70 -9.74 -1.48
N CYS A 47 4.67 -8.67 -0.65
CA CYS A 47 5.88 -7.96 -0.21
C CYS A 47 6.77 -8.82 0.66
N PHE A 48 6.18 -9.80 1.39
CA PHE A 48 6.84 -10.56 2.45
C PHE A 48 6.90 -12.06 2.25
N ILE A 49 6.03 -12.62 1.41
CA ILE A 49 5.89 -14.06 1.28
C ILE A 49 7.19 -14.83 1.04
N ASP A 50 8.15 -14.25 0.31
CA ASP A 50 9.42 -14.92 0.03
C ASP A 50 10.47 -14.78 1.18
N TYR A 51 10.24 -13.87 2.14
CA TYR A 51 11.11 -13.64 3.29
C TYR A 51 10.19 -13.45 4.53
N PRO A 52 9.51 -14.52 4.95
CA PRO A 52 8.45 -14.37 5.98
C PRO A 52 8.94 -14.40 7.43
N LYS A 53 10.07 -13.74 7.71
CA LYS A 53 10.72 -13.73 9.01
C LYS A 53 10.54 -12.32 9.58
N LYS A 54 9.74 -12.16 10.65
CA LYS A 54 9.42 -10.85 11.16
C LYS A 54 10.65 -10.07 11.61
N GLU A 55 11.70 -10.74 12.10
CA GLU A 55 12.93 -10.07 12.59
C GLU A 55 13.67 -9.32 11.47
N ASP A 56 13.37 -9.61 10.19
CA ASP A 56 14.10 -8.97 9.09
C ASP A 56 13.65 -7.54 8.81
N TYR A 57 12.44 -7.17 9.27
CA TYR A 57 11.85 -5.92 8.86
C TYR A 57 12.02 -4.73 9.80
N ILE A 58 12.12 -3.56 9.18
CA ILE A 58 12.19 -2.28 9.85
C ILE A 58 11.03 -1.48 9.29
N VAL A 59 10.21 -0.86 10.16
CA VAL A 59 9.11 -0.03 9.73
C VAL A 59 9.32 1.35 10.27
N TYR A 60 9.19 2.35 9.39
CA TYR A 60 9.24 3.73 9.81
C TYR A 60 7.87 4.36 9.60
N LEU A 61 7.51 5.23 10.54
CA LEU A 61 6.37 6.14 10.41
C LEU A 61 7.00 7.53 10.50
N GLY A 62 6.38 8.52 9.86
CA GLY A 62 6.88 9.89 9.89
C GLY A 62 8.12 10.16 9.05
N ARG A 63 8.40 9.26 8.08
CA ARG A 63 9.59 9.34 7.24
C ARG A 63 9.21 9.81 5.83
N SER A 64 9.87 10.89 5.32
CA SER A 64 9.57 11.51 4.02
C SER A 64 10.55 11.15 2.90
N ARG A 65 11.76 10.65 3.23
CA ARG A 65 12.76 10.38 2.21
C ARG A 65 13.32 8.97 2.43
N LEU A 66 13.78 8.34 1.36
CA LEU A 66 14.26 6.97 1.46
C LEU A 66 15.46 6.87 2.38
N ASN A 67 16.35 7.89 2.38
CA ASN A 67 17.64 7.90 3.09
C ASN A 67 17.89 9.14 3.98
N SER A 68 16.85 9.67 4.61
CA SER A 68 17.01 10.77 5.58
C SER A 68 16.21 10.36 6.80
N ASN A 69 16.75 10.61 8.00
CA ASN A 69 16.05 10.34 9.25
C ASN A 69 15.21 11.59 9.55
N THR A 70 14.05 11.67 8.89
CA THR A 70 13.16 12.82 8.99
C THR A 70 12.86 13.18 10.44
N GLN A 71 12.91 14.47 10.76
CA GLN A 71 12.59 14.94 12.10
C GLN A 71 11.18 14.49 12.45
N GLY A 72 11.06 13.87 13.61
CA GLY A 72 9.78 13.36 14.10
C GLY A 72 9.48 11.92 13.69
N GLU A 73 10.34 11.28 12.88
CA GLU A 73 10.07 9.90 12.50
C GLU A 73 10.26 8.98 13.70
N MET A 74 9.64 7.78 13.61
CA MET A 74 9.78 6.76 14.62
CA MET A 74 9.68 6.74 14.65
C MET A 74 10.06 5.44 13.93
N LYS A 75 10.99 4.67 14.49
CA LYS A 75 11.47 3.41 13.94
C LYS A 75 10.92 2.28 14.78
N PHE A 76 10.48 1.20 14.11
CA PHE A 76 9.90 0.06 14.77
C PHE A 76 10.43 -1.27 14.26
N GLU A 77 10.31 -2.31 15.10
CA GLU A 77 10.50 -3.70 14.70
C GLU A 77 9.09 -4.33 14.61
N VAL A 78 9.00 -5.50 13.99
CA VAL A 78 7.74 -6.20 13.76
C VAL A 78 7.58 -7.27 14.84
N GLU A 79 6.59 -7.08 15.72
CA GLU A 79 6.29 -8.01 16.83
C GLU A 79 5.52 -9.24 16.30
N ASN A 80 4.68 -9.07 15.23
CA ASN A 80 3.93 -10.15 14.62
CA ASN A 80 3.91 -10.15 14.61
C ASN A 80 3.71 -9.83 13.13
N LEU A 81 4.05 -10.77 12.24
CA LEU A 81 3.85 -10.61 10.79
C LEU A 81 2.73 -11.60 10.43
N ILE A 82 1.57 -11.07 10.03
CA ILE A 82 0.41 -11.89 9.68
C ILE A 82 0.16 -11.84 8.18
N LEU A 83 0.34 -12.98 7.50
CA LEU A 83 0.08 -13.08 6.07
C LEU A 83 -1.25 -13.79 5.85
N HIS A 84 -1.98 -13.42 4.76
CA HIS A 84 -3.26 -14.06 4.50
C HIS A 84 -3.02 -15.51 4.05
N LYS A 85 -3.63 -16.48 4.75
CA LYS A 85 -3.42 -17.92 4.46
CA LYS A 85 -3.41 -17.91 4.46
C LYS A 85 -3.77 -18.38 3.05
N ASP A 86 -4.67 -17.68 2.35
CA ASP A 86 -5.04 -18.13 1.00
C ASP A 86 -4.41 -17.24 -0.08
N TYR A 87 -3.29 -16.56 0.24
CA TYR A 87 -2.58 -15.75 -0.75
C TYR A 87 -2.08 -16.67 -1.89
N SER A 88 -2.15 -16.18 -3.14
CA SER A 88 -1.57 -16.85 -4.29
C SER A 88 -1.31 -15.86 -5.43
N ALA A 89 -0.41 -16.22 -6.34
CA ALA A 89 -0.04 -15.35 -7.45
C ALA A 89 -0.14 -16.07 -8.80
N ASP A 90 -0.93 -15.49 -9.73
CA ASP A 90 -1.06 -15.97 -11.10
CA ASP A 90 -1.09 -15.99 -11.10
C ASP A 90 -0.09 -15.17 -11.96
N THR A 91 -0.08 -15.35 -13.29
CA THR A 91 0.84 -14.59 -14.12
C THR A 91 0.76 -13.07 -13.86
N LEU A 92 -0.44 -12.56 -13.73
CA LEU A 92 -0.65 -11.15 -13.41
C LEU A 92 -1.32 -11.00 -12.06
N ALA A 93 -2.48 -11.61 -11.90
CA ALA A 93 -3.30 -11.45 -10.70
C ALA A 93 -2.71 -12.01 -9.43
N HIS A 94 -2.77 -11.23 -8.33
CA HIS A 94 -2.41 -11.65 -7.00
C HIS A 94 -3.70 -11.76 -6.20
N HIS A 95 -3.87 -12.85 -5.45
CA HIS A 95 -5.10 -13.13 -4.70
C HIS A 95 -4.86 -13.00 -3.19
N ASN A 96 -5.84 -12.44 -2.45
CA ASN A 96 -5.76 -12.24 -0.98
C ASN A 96 -4.44 -11.53 -0.65
N ASP A 97 -4.16 -10.47 -1.40
CA ASP A 97 -2.89 -9.75 -1.27
C ASP A 97 -2.98 -8.70 -0.19
N ILE A 98 -2.95 -9.19 1.05
CA ILE A 98 -3.16 -8.37 2.25
C ILE A 98 -2.38 -8.98 3.43
N ALA A 99 -1.72 -8.12 4.23
CA ALA A 99 -0.91 -8.56 5.37
C ALA A 99 -1.02 -7.56 6.49
N LEU A 100 -0.78 -8.02 7.73
CA LEU A 100 -0.76 -7.15 8.90
C LEU A 100 0.58 -7.25 9.62
N LEU A 101 1.11 -6.11 10.05
CA LEU A 101 2.38 -6.03 10.79
C LEU A 101 2.10 -5.36 12.15
N LYS A 102 2.26 -6.09 13.27
CA LYS A 102 2.13 -5.48 14.60
C LYS A 102 3.51 -4.89 14.91
N ILE A 103 3.58 -3.61 15.18
CA ILE A 103 4.82 -2.84 15.35
C ILE A 103 5.16 -2.53 16.81
N ARG A 104 6.46 -2.49 17.14
CA ARG A 104 6.92 -2.22 18.50
CA ARG A 104 6.91 -2.15 18.50
C ARG A 104 8.28 -1.49 18.47
N SER A 105 8.45 -0.42 19.25
CA SER A 105 9.74 0.28 19.34
C SER A 105 10.69 -0.59 20.18
N LYS A 106 11.95 -0.19 20.30
CA LYS A 106 12.87 -0.96 21.16
C LYS A 106 12.47 -0.99 22.65
N GLU A 107 11.70 0.03 23.09
CA GLU A 107 11.19 0.15 24.46
C GLU A 107 9.87 -0.61 24.66
N GLY A 108 9.34 -1.18 23.58
CA GLY A 108 8.13 -1.98 23.61
C GLY A 108 6.84 -1.24 23.33
N ARG A 109 6.92 -0.02 22.76
CA ARG A 109 5.76 0.85 22.54
C ARG A 109 5.28 0.87 21.11
N CYS A 110 4.00 1.18 20.93
CA CYS A 110 3.43 1.34 19.59
C CYS A 110 3.61 2.79 19.16
N ALA A 111 3.04 3.15 18.02
CA ALA A 111 3.19 4.50 17.50
C ALA A 111 2.54 5.49 18.40
N GLN A 112 3.15 6.68 18.51
CA GLN A 112 2.60 7.80 19.25
C GLN A 112 2.13 8.80 18.18
N PRO A 113 0.82 8.98 17.97
CA PRO A 113 0.36 9.92 16.94
C PRO A 113 0.96 11.31 17.12
N SER A 114 1.20 12.00 16.00
CA SER A 114 1.76 13.33 15.97
C SER A 114 1.28 14.01 14.69
N ARG A 115 1.80 15.20 14.40
CA ARG A 115 1.45 15.90 13.17
C ARG A 115 1.86 15.09 11.93
N THR A 116 2.92 14.26 12.02
CA THR A 116 3.44 13.49 10.87
C THR A 116 3.20 11.98 10.97
N ILE A 117 2.54 11.51 12.03
CA ILE A 117 2.20 10.09 12.25
C ILE A 117 0.71 10.02 12.64
N GLN A 118 -0.14 9.47 11.79
CA GLN A 118 -1.58 9.38 12.02
CA GLN A 118 -1.58 9.37 12.04
C GLN A 118 -2.14 8.11 11.43
N THR A 119 -3.27 7.62 11.99
CA THR A 119 -3.94 6.45 11.40
C THR A 119 -4.81 6.89 10.20
N ILE A 120 -5.22 5.91 9.36
CA ILE A 120 -6.15 6.11 8.25
C ILE A 120 -7.34 5.20 8.53
N ALA A 121 -8.54 5.71 8.34
CA ALA A 121 -9.76 4.95 8.58
C ALA A 121 -9.97 3.79 7.60
N LEU A 122 -10.53 2.71 8.11
CA LEU A 122 -10.92 1.56 7.29
C LEU A 122 -12.30 1.88 6.70
N PRO A 123 -12.64 1.26 5.56
CA PRO A 123 -13.98 1.41 4.99
C PRO A 123 -15.02 0.62 5.75
N SER A 124 -16.30 0.85 5.45
CA SER A 124 -17.38 0.08 6.06
C SER A 124 -17.82 -0.97 5.01
N MET A 125 -18.46 -2.07 5.44
CA MET A 125 -18.81 -3.09 4.44
C MET A 125 -19.85 -2.63 3.40
N TYR A 126 -19.68 -3.10 2.15
CA TYR A 126 -20.55 -2.84 1.00
C TYR A 126 -20.65 -1.37 0.62
N ASN A 127 -19.64 -0.56 0.96
CA ASN A 127 -19.71 0.87 0.68
C ASN A 127 -18.41 1.40 0.12
N ASP A 128 -18.11 1.04 -1.11
CA ASP A 128 -16.93 1.56 -1.79
C ASP A 128 -17.38 2.73 -2.68
N PRO A 129 -16.46 3.61 -3.12
CA PRO A 129 -16.89 4.73 -3.96
C PRO A 129 -17.37 4.29 -5.34
N GLN A 130 -18.20 5.11 -5.99
CA GLN A 130 -18.71 4.78 -7.33
C GLN A 130 -17.58 4.86 -8.36
N PHE A 131 -17.72 4.12 -9.46
CA PHE A 131 -16.75 4.17 -10.55
C PHE A 131 -16.66 5.64 -11.04
N GLY A 132 -15.45 6.08 -11.41
CA GLY A 132 -15.21 7.44 -11.85
C GLY A 132 -14.69 8.35 -10.75
N THR A 133 -14.79 7.91 -9.46
CA THR A 133 -14.28 8.67 -8.29
C THR A 133 -12.79 8.77 -8.36
N SER A 134 -12.26 9.94 -7.96
CA SER A 134 -10.82 10.19 -7.92
CA SER A 134 -10.85 10.27 -7.90
C SER A 134 -10.27 9.82 -6.55
N CYS A 135 -9.15 9.06 -6.53
CA CYS A 135 -8.50 8.61 -5.29
C CYS A 135 -7.02 8.87 -5.41
N GLU A 136 -6.31 8.92 -4.28
CA GLU A 136 -4.87 9.16 -4.30
C GLU A 136 -4.09 7.91 -3.94
N ILE A 137 -2.87 7.82 -4.49
CA ILE A 137 -1.94 6.76 -4.18
C ILE A 137 -0.64 7.44 -3.77
N THR A 138 0.15 6.77 -2.92
CA THR A 138 1.40 7.29 -2.37
CA THR A 138 1.44 7.31 -2.52
C THR A 138 2.45 6.20 -2.36
N GLY A 139 3.69 6.57 -2.61
CA GLY A 139 4.76 5.60 -2.52
C GLY A 139 6.12 6.07 -2.96
N PHE A 140 7.10 5.20 -2.68
CA PHE A 140 8.51 5.39 -3.06
C PHE A 140 8.85 4.51 -4.30
N GLY A 141 7.84 4.07 -5.05
CA GLY A 141 8.06 3.20 -6.21
C GLY A 141 8.61 3.92 -7.42
N LYS A 142 8.92 3.12 -8.46
CA LYS A 142 9.57 3.67 -9.66
C LYS A 142 8.83 4.84 -10.31
N GLU A 143 9.59 5.78 -10.88
CA GLU A 143 9.07 6.94 -11.61
C GLU A 143 8.84 6.62 -13.10
N GLN A 144 9.55 5.60 -13.61
CA GLN A 144 9.42 5.11 -15.00
C GLN A 144 9.63 3.59 -14.94
N SER A 145 8.96 2.82 -15.81
CA SER A 145 9.11 1.38 -15.80
C SER A 145 10.54 0.91 -16.03
N THR A 146 11.31 1.66 -16.85
CA THR A 146 12.69 1.34 -17.18
C THR A 146 13.68 1.73 -16.05
N ASP A 147 13.25 2.46 -15.00
CA ASP A 147 14.18 2.78 -13.93
C ASP A 147 14.48 1.54 -13.06
N TYR A 148 15.67 1.48 -12.46
CA TYR A 148 16.02 0.47 -11.45
C TYR A 148 16.13 1.08 -10.04
N LEU A 149 16.40 2.40 -9.93
CA LEU A 149 16.43 3.12 -8.65
C LEU A 149 15.05 3.62 -8.36
N TYR A 150 14.77 3.84 -7.07
CA TYR A 150 13.56 4.43 -6.57
C TYR A 150 13.86 5.89 -6.22
N PRO A 151 12.82 6.76 -6.33
CA PRO A 151 13.01 8.16 -5.98
C PRO A 151 13.36 8.36 -4.50
N GLU A 152 14.24 9.33 -4.22
CA GLU A 152 14.62 9.62 -2.86
C GLU A 152 13.46 10.27 -2.11
N GLN A 153 12.64 11.09 -2.78
CA GLN A 153 11.55 11.76 -2.14
C GLN A 153 10.21 11.04 -2.42
N LEU A 154 9.38 10.97 -1.38
CA LEU A 154 8.05 10.35 -1.46
C LEU A 154 7.22 11.03 -2.57
N LYS A 155 6.38 10.26 -3.28
CA LYS A 155 5.51 10.80 -4.35
C LYS A 155 4.08 10.45 -4.11
N MET A 156 3.17 11.18 -4.76
CA MET A 156 1.74 10.86 -4.77
C MET A 156 1.19 11.12 -6.18
N THR A 157 0.05 10.54 -6.47
CA THR A 157 -0.73 10.88 -7.66
C THR A 157 -2.22 10.65 -7.39
N VAL A 158 -3.05 11.00 -8.39
CA VAL A 158 -4.48 10.80 -8.34
C VAL A 158 -4.93 10.03 -9.57
N VAL A 159 -5.76 8.99 -9.36
CA VAL A 159 -6.32 8.16 -10.43
C VAL A 159 -7.84 8.00 -10.22
N LYS A 160 -8.55 7.46 -11.21
CA LYS A 160 -10.00 7.28 -11.12
C LYS A 160 -10.36 5.80 -11.03
N LEU A 161 -11.35 5.48 -10.21
CA LEU A 161 -11.81 4.09 -10.10
C LEU A 161 -12.52 3.64 -11.38
N ILE A 162 -12.26 2.40 -11.79
CA ILE A 162 -12.86 1.79 -12.98
C ILE A 162 -13.75 0.64 -12.52
N SER A 163 -14.93 0.50 -13.15
CA SER A 163 -15.85 -0.55 -12.77
C SER A 163 -15.31 -1.95 -13.02
N HIS A 164 -15.87 -2.92 -12.32
CA HIS A 164 -15.51 -4.32 -12.57
C HIS A 164 -15.90 -4.73 -14.02
N ARG A 165 -17.07 -4.33 -14.51
CA ARG A 165 -17.49 -4.68 -15.88
C ARG A 165 -16.52 -4.13 -16.94
N GLU A 166 -16.03 -2.90 -16.76
CA GLU A 166 -15.06 -2.33 -17.68
C GLU A 166 -13.71 -3.02 -17.55
N CYS A 167 -13.28 -3.27 -16.28
CA CYS A 167 -11.98 -3.87 -16.05
C CYS A 167 -11.87 -5.29 -16.58
N GLN A 168 -13.04 -5.98 -16.71
CA GLN A 168 -13.12 -7.34 -17.25
C GLN A 168 -13.29 -7.37 -18.79
N GLN A 169 -13.22 -6.21 -19.49
CA GLN A 169 -13.31 -6.22 -20.96
C GLN A 169 -12.09 -6.96 -21.51
N PRO A 170 -12.21 -7.53 -22.72
CA PRO A 170 -11.09 -8.33 -23.27
C PRO A 170 -9.75 -7.61 -23.39
N HIS A 171 -9.74 -6.33 -23.79
CA HIS A 171 -8.49 -5.57 -23.95
C HIS A 171 -7.95 -5.04 -22.61
N TYR A 172 -8.77 -5.12 -21.54
CA TYR A 172 -8.37 -4.77 -20.18
C TYR A 172 -7.81 -6.05 -19.54
N TYR A 173 -8.45 -6.63 -18.49
CA TYR A 173 -7.93 -7.85 -17.86
C TYR A 173 -8.83 -9.08 -17.99
N GLY A 174 -9.93 -9.00 -18.73
CA GLY A 174 -10.81 -10.17 -18.88
C GLY A 174 -11.23 -10.73 -17.53
N SER A 175 -11.34 -12.06 -17.44
CA SER A 175 -11.74 -12.72 -16.17
C SER A 175 -10.61 -12.82 -15.11
N GLU A 176 -9.40 -12.28 -15.39
CA GLU A 176 -8.28 -12.31 -14.45
C GLU A 176 -8.50 -11.39 -13.25
N VAL A 177 -9.30 -10.32 -13.40
CA VAL A 177 -9.57 -9.40 -12.31
C VAL A 177 -10.90 -9.79 -11.68
N THR A 178 -10.92 -10.00 -10.33
CA THR A 178 -12.10 -10.51 -9.64
C THR A 178 -12.83 -9.44 -8.87
N THR A 179 -14.00 -9.81 -8.27
CA THR A 179 -14.80 -8.89 -7.51
C THR A 179 -14.13 -8.49 -6.19
N LYS A 180 -13.06 -9.22 -5.76
CA LYS A 180 -12.28 -8.85 -4.55
C LYS A 180 -11.15 -7.84 -4.87
N MET A 181 -11.08 -7.39 -6.14
CA MET A 181 -10.09 -6.44 -6.63
C MET A 181 -10.78 -5.21 -7.20
N LEU A 182 -10.09 -4.11 -7.10
CA LEU A 182 -10.56 -2.82 -7.59
C LEU A 182 -9.57 -2.26 -8.58
N CYS A 183 -10.04 -1.82 -9.75
CA CYS A 183 -9.18 -1.19 -10.76
C CYS A 183 -9.19 0.31 -10.60
N ALA A 184 -8.07 0.96 -10.89
CA ALA A 184 -8.03 2.41 -10.90
C ALA A 184 -6.91 2.87 -11.88
N ALA A 185 -7.16 3.95 -12.66
CA ALA A 185 -6.18 4.40 -13.66
C ALA A 185 -6.43 5.83 -14.06
N ASP A 186 -5.50 6.35 -14.87
CA ASP A 186 -5.64 7.67 -15.49
C ASP A 186 -6.36 7.46 -16.85
N PRO A 187 -7.43 8.21 -17.17
CA PRO A 187 -8.06 8.07 -18.50
C PRO A 187 -7.12 8.29 -19.68
N GLN A 188 -6.07 9.13 -19.49
CA GLN A 188 -5.05 9.38 -20.51
C GLN A 188 -3.83 8.47 -20.39
N TRP A 189 -3.81 7.55 -19.38
CA TRP A 189 -2.73 6.57 -19.19
C TRP A 189 -1.33 7.22 -18.99
N LYS A 190 -1.24 8.37 -18.32
CA LYS A 190 0.06 9.02 -18.08
C LYS A 190 0.57 8.89 -16.65
N THR A 191 -0.28 8.54 -15.66
CA THR A 191 0.15 8.41 -14.26
C THR A 191 -0.43 7.13 -13.67
N ASP A 192 0.31 6.51 -12.75
CA ASP A 192 -0.06 5.23 -12.18
C ASP A 192 0.87 4.88 -11.02
N SER A 193 0.54 3.83 -10.29
CA SER A 193 1.48 3.24 -9.33
C SER A 193 2.38 2.28 -10.14
N CYS A 194 3.49 1.80 -9.54
CA CYS A 194 4.42 0.93 -10.25
C CYS A 194 5.17 0.07 -9.23
N GLN A 195 6.12 -0.71 -9.71
CA GLN A 195 6.93 -1.53 -8.82
C GLN A 195 7.56 -0.67 -7.70
N GLY A 196 7.44 -1.15 -6.46
CA GLY A 196 7.95 -0.44 -5.29
C GLY A 196 6.83 0.30 -4.55
N ASP A 197 5.66 0.51 -5.21
CA ASP A 197 4.50 1.13 -4.58
C ASP A 197 3.60 0.09 -3.91
N SER A 198 3.89 -1.21 -4.13
CA SER A 198 3.08 -2.28 -3.58
C SER A 198 2.94 -2.15 -2.09
N GLY A 199 1.77 -2.55 -1.60
CA GLY A 199 1.47 -2.49 -0.18
C GLY A 199 0.98 -1.14 0.30
N GLY A 200 1.22 -0.09 -0.50
CA GLY A 200 0.84 1.25 -0.15
C GLY A 200 -0.64 1.50 -0.29
N PRO A 201 -1.04 2.66 0.17
CA PRO A 201 -2.46 3.01 0.18
C PRO A 201 -3.06 3.59 -1.10
N LEU A 202 -4.33 3.23 -1.38
CA LEU A 202 -5.21 3.89 -2.34
C LEU A 202 -6.25 4.50 -1.41
N VAL A 203 -6.21 5.85 -1.22
CA VAL A 203 -7.10 6.53 -0.30
C VAL A 203 -8.14 7.28 -1.10
N CYS A 204 -9.42 7.05 -0.76
CA CYS A 204 -10.54 7.72 -1.41
C CYS A 204 -11.27 8.52 -0.37
N SER A 205 -11.68 9.72 -0.71
CA SER A 205 -12.55 10.52 0.16
C SER A 205 -13.97 10.09 -0.18
N LEU A 206 -14.66 9.47 0.77
CA LEU A 206 -16.01 8.95 0.52
C LEU A 206 -16.91 9.49 1.60
N GLN A 207 -17.97 10.19 1.20
CA GLN A 207 -18.91 10.76 2.16
C GLN A 207 -18.20 11.69 3.17
N GLY A 208 -17.17 12.38 2.68
CA GLY A 208 -16.36 13.33 3.44
C GLY A 208 -15.27 12.74 4.30
N ARG A 209 -15.09 11.40 4.29
CA ARG A 209 -14.13 10.71 5.14
C ARG A 209 -12.99 10.09 4.32
N MET A 210 -11.72 10.44 4.64
CA MET A 210 -10.57 9.85 3.96
C MET A 210 -10.49 8.38 4.41
N THR A 211 -10.51 7.45 3.45
CA THR A 211 -10.66 6.03 3.73
C THR A 211 -9.65 5.21 2.98
N LEU A 212 -9.14 4.15 3.62
CA LEU A 212 -8.23 3.25 2.96
C LEU A 212 -9.08 2.29 2.11
N THR A 213 -9.34 2.64 0.85
CA THR A 213 -10.19 1.83 -0.05
C THR A 213 -9.43 0.66 -0.65
N GLY A 214 -8.15 0.87 -0.98
CA GLY A 214 -7.37 -0.18 -1.60
C GLY A 214 -5.93 -0.24 -1.12
N ILE A 215 -5.26 -1.33 -1.49
CA ILE A 215 -3.85 -1.59 -1.22
C ILE A 215 -3.23 -1.92 -2.59
N VAL A 216 -2.17 -1.20 -2.95
CA VAL A 216 -1.52 -1.43 -4.23
C VAL A 216 -1.12 -2.91 -4.30
N SER A 217 -1.57 -3.62 -5.37
CA SER A 217 -1.32 -5.04 -5.53
C SER A 217 -0.60 -5.41 -6.84
N TRP A 218 -1.20 -5.11 -8.01
CA TRP A 218 -0.61 -5.55 -9.29
C TRP A 218 -1.07 -4.74 -10.50
N GLY A 219 -0.42 -4.99 -11.63
CA GLY A 219 -0.80 -4.38 -12.88
C GLY A 219 0.09 -4.85 -14.01
N ARG A 220 -0.42 -4.77 -15.27
CA ARG A 220 0.38 -5.14 -16.45
CA ARG A 220 0.37 -5.15 -16.45
C ARG A 220 1.15 -3.89 -16.86
N GLY A 221 2.46 -3.90 -16.63
CA GLY A 221 3.29 -2.72 -16.89
C GLY A 221 2.87 -1.62 -15.94
N CYS A 222 3.29 -0.37 -16.23
CA CYS A 222 2.94 0.81 -15.42
C CYS A 222 2.50 1.91 -16.38
N ALA A 223 1.31 2.46 -16.14
CA ALA A 223 0.72 3.49 -16.98
C ALA A 223 0.57 3.03 -18.45
N LEU A 224 0.27 1.74 -18.67
CA LEU A 224 0.02 1.24 -20.03
C LEU A 224 -1.45 1.38 -20.42
N LYS A 225 -1.70 1.69 -21.71
CA LYS A 225 -3.05 1.80 -22.25
C LYS A 225 -3.89 0.54 -22.00
N ASP A 226 -5.09 0.72 -21.45
CA ASP A 226 -6.07 -0.32 -21.14
C ASP A 226 -5.57 -1.29 -20.09
N LYS A 227 -4.57 -0.89 -19.28
CA LYS A 227 -4.04 -1.74 -18.20
C LYS A 227 -4.02 -1.00 -16.86
N PRO A 228 -5.18 -0.95 -16.21
CA PRO A 228 -5.24 -0.23 -14.92
C PRO A 228 -4.36 -0.81 -13.82
N GLY A 229 -4.12 0.00 -12.80
CA GLY A 229 -3.57 -0.49 -11.56
C GLY A 229 -4.68 -1.31 -10.90
N VAL A 230 -4.30 -2.42 -10.21
CA VAL A 230 -5.23 -3.29 -9.48
C VAL A 230 -4.86 -3.29 -7.99
N TYR A 231 -5.88 -3.13 -7.17
CA TYR A 231 -5.79 -2.92 -5.74
C TYR A 231 -6.62 -3.95 -4.99
N THR A 232 -6.13 -4.41 -3.84
CA THR A 232 -6.94 -5.24 -2.93
C THR A 232 -8.09 -4.40 -2.43
N ARG A 233 -9.34 -4.90 -2.58
CA ARG A 233 -10.53 -4.18 -2.13
C ARG A 233 -10.62 -4.42 -0.63
N VAL A 234 -10.14 -3.45 0.16
CA VAL A 234 -10.06 -3.55 1.62
CA VAL A 234 -10.06 -3.70 1.58
C VAL A 234 -11.41 -3.89 2.26
N SER A 235 -12.53 -3.33 1.70
CA SER A 235 -13.86 -3.56 2.32
C SER A 235 -14.22 -5.06 2.38
N HIS A 236 -13.77 -5.85 1.41
CA HIS A 236 -14.06 -7.28 1.45
C HIS A 236 -13.41 -7.97 2.65
N PHE A 237 -12.24 -7.48 3.07
CA PHE A 237 -11.40 -8.09 4.11
C PHE A 237 -11.62 -7.58 5.53
N LEU A 238 -12.68 -6.79 5.76
CA LEU A 238 -12.91 -6.29 7.10
C LEU A 238 -13.03 -7.40 8.14
N PRO A 239 -13.77 -8.50 7.87
CA PRO A 239 -13.81 -9.60 8.85
C PRO A 239 -12.41 -10.16 9.21
N TRP A 240 -11.56 -10.35 8.18
CA TRP A 240 -10.21 -10.86 8.35
C TRP A 240 -9.35 -9.87 9.17
N ILE A 241 -9.43 -8.57 8.85
CA ILE A 241 -8.66 -7.56 9.59
C ILE A 241 -9.07 -7.53 11.06
N ARG A 242 -10.37 -7.49 11.29
CA ARG A 242 -10.90 -7.46 12.66
C ARG A 242 -10.41 -8.69 13.45
N SER A 243 -10.57 -9.89 12.88
CA SER A 243 -10.20 -11.11 13.61
CA SER A 243 -10.19 -11.14 13.56
C SER A 243 -8.69 -11.20 13.90
N HIS A 244 -7.85 -10.71 12.98
CA HIS A 244 -6.40 -10.77 13.16
C HIS A 244 -5.78 -9.66 13.95
N THR A 245 -6.54 -8.62 14.35
CA THR A 245 -6.03 -7.52 15.18
C THR A 245 -6.54 -7.57 16.62
N LYS A 246 -7.47 -8.52 16.95
CA LYS A 246 -8.00 -8.64 18.32
C LYS A 246 -6.94 -9.08 19.33
O 1U2 B . 6.95 -6.71 -10.93
C8 1U2 B . 6.92 -6.46 -9.70
N4 1U2 B . 7.74 -7.09 -8.77
C9 1U2 B . 8.74 -8.05 -9.10
C14 1U2 B . 8.43 -9.08 -10.05
C13 1U2 B . 9.40 -10.02 -10.38
C12 1U2 B . 10.65 -9.99 -9.77
C11 1U2 B . 10.95 -8.99 -8.83
C10 1U2 B . 10.00 -8.01 -8.49
N3 1U2 B . 6.04 -5.52 -9.07
C7 1U2 B . 5.10 -4.71 -9.73
C6 1U2 B . 4.02 -4.20 -9.01
C15 1U2 B . 5.28 -4.39 -11.14
C16 1U2 B . 4.37 -3.61 -11.77
C17 1U2 B . 3.27 -3.07 -11.04
C5 1U2 B . 3.10 -3.36 -9.69
C4 1U2 B . 2.01 -2.77 -8.98
C3 1U2 B . 1.13 -1.97 -9.64
C18 1U2 B . 2.37 -2.20 -11.72
C2 1U2 B . 1.31 -1.65 -11.05
C1 1U2 B . 0.37 -0.68 -11.76
N2 1U2 B . 0.30 -0.69 -13.14
N1 1U2 B . -0.38 0.09 -11.06
H8 1U2 B . 7.66 -6.89 -7.78
H13 1U2 B . 7.44 -9.17 -10.51
H12 1U2 B . 9.17 -10.79 -11.12
H11 1U2 B . 11.40 -10.74 -10.01
H10 1U2 B . 11.92 -8.97 -8.35
H9 1U2 B . 10.25 -7.24 -7.77
H7 1U2 B . 6.04 -5.41 -8.06
H6 1U2 B . 3.86 -4.41 -7.97
H14 1U2 B . 6.15 -4.71 -11.71
H15 1U2 B . 4.47 -3.39 -12.83
H5 1U2 B . 1.89 -2.97 -7.91
H4 1U2 B . 0.26 -1.61 -9.10
H16 1U2 B . 2.59 -1.95 -12.76
H3 1U2 B . -0.31 -0.04 -13.62
H2 1U2 B . 0.77 -1.37 -13.73
H1 1U2 B . -0.30 0.07 -10.05
S SO4 C . -18.03 -8.29 -0.06
O1 SO4 C . -16.96 -8.85 -0.94
O2 SO4 C . -17.79 -6.89 0.23
O3 SO4 C . -19.33 -8.41 -0.80
O4 SO4 C . -18.13 -9.08 1.19
S SO4 D . -12.75 -14.82 1.06
O1 SO4 D . -12.63 -15.15 -0.38
O2 SO4 D . -11.87 -13.69 1.44
O3 SO4 D . -14.17 -14.47 1.33
O4 SO4 D . -12.39 -15.98 1.87
S SO4 E . -10.06 -14.10 -5.77
O1 SO4 E . -8.87 -13.27 -5.87
O2 SO4 E . -11.26 -13.30 -5.96
O3 SO4 E . -9.95 -15.14 -6.85
O4 SO4 E . -10.08 -14.83 -4.43
S SO4 F . 7.10 -4.65 -5.38
S SO4 F . 6.58 -5.17 -5.90
O1 SO4 F . 8.03 -3.93 -4.52
O1 SO4 F . 7.89 -5.52 -6.47
O2 SO4 F . 7.85 -5.39 -6.39
O2 SO4 F . 5.53 -5.90 -6.52
O3 SO4 F . 6.30 -5.58 -4.60
O3 SO4 F . 6.57 -5.40 -4.48
O4 SO4 F . 6.20 -3.67 -6.05
O4 SO4 F . 6.30 -3.72 -6.12
C ACT G . -14.98 -13.11 -9.48
O ACT G . -14.74 -12.48 -10.52
OXT ACT G . -15.27 -12.52 -8.43
CH3 ACT G . -14.74 -14.57 -9.34
C1 GOL H . 15.37 -0.13 -4.39
O1 GOL H . 15.14 0.99 -3.49
C2 GOL H . 14.46 -1.29 -3.94
O2 GOL H . 14.89 -1.68 -2.65
C3 GOL H . 14.58 -2.54 -4.86
O3 GOL H . 13.55 -3.47 -4.41
C1 GOL I . 18.93 -12.17 2.78
O1 GOL I . 19.84 -11.68 3.76
C2 GOL I . 19.48 -11.94 1.37
O2 GOL I . 20.19 -10.73 1.27
C3 GOL I . 18.42 -11.96 0.27
O3 GOL I . 18.63 -10.88 -0.65
C1 GOL J . 16.45 3.75 18.35
O1 GOL J . 16.16 3.26 19.63
C2 GOL J . 16.33 2.68 17.27
O2 GOL J . 15.18 1.86 17.41
C3 GOL J . 17.60 1.87 17.04
O3 GOL J . 18.16 2.18 15.77
C1 GOL K . 17.24 2.79 0.86
O1 GOL K . 18.11 2.39 1.92
C2 GOL K . 17.90 2.60 -0.50
O2 GOL K . 18.20 3.90 -1.10
C3 GOL K . 16.79 1.93 -1.30
O3 GOL K . 16.66 0.52 -1.02
C1 GOL L . 16.75 2.21 6.77
O1 GOL L . 16.82 1.76 8.16
C2 GOL L . 17.60 3.46 6.56
O2 GOL L . 18.94 3.15 6.93
C3 GOL L . 17.58 3.86 5.08
O3 GOL L . 18.27 2.87 4.31
C1 GOL M . -3.34 -17.64 -15.08
O1 GOL M . -2.13 -17.81 -14.25
C2 GOL M . -3.16 -17.55 -16.62
O2 GOL M . -1.80 -17.11 -16.97
C3 GOL M . -4.21 -16.56 -17.15
O3 GOL M . -4.03 -16.23 -18.54
C1 GOL N . -3.75 -2.11 19.74
O1 GOL N . -3.05 -3.32 19.37
C2 GOL N . -4.20 -1.32 18.52
O2 GOL N . -3.14 -0.66 17.92
C3 GOL N . -5.20 -0.24 18.91
O3 GOL N . -4.57 0.58 19.90
#